data_2ZIM
#
_entry.id   2ZIM
#
_cell.length_a   105.070
_cell.length_b   105.070
_cell.length_c   70.262
_cell.angle_alpha   90.00
_cell.angle_beta   90.00
_cell.angle_gamma   120.00
#
_symmetry.space_group_name_H-M   'P 64'
#
loop_
_entity.id
_entity.type
_entity.pdbx_description
1 polymer 'Pyrrolysyl-tRNA synthetase'
2 non-polymer 1,2-ETHANEDIOL
3 non-polymer '(2R)-2-AMINO-6-({[(2S,3R)-3-METHYLPYRROLIDIN-2-YL]CARBONYL}AMINO)HEXANOYL [(2S,3R,4R,5R)-5-(6-AMINO-9H-PURIN-9-YL)-3,4-DIHYDROXYTETRAHYDROFURAN-2-YL]METHYL HYDROGEN (R)-PHOSPHATE'
4 non-polymer 'PYROPHOSPHATE 2-'
5 water water
#
_entity_poly.entity_id   1
_entity_poly.type   'polypeptide(L)'
_entity_poly.pdbx_seq_one_letter_code
;MGSSHHHHHHSSGLVPRGSHMASAPALTKSQTDRLEVLLNPKDEISLNSGKPFRELESELLSRRKKDLQQIYAEERENYL
GKLEREITRFFVDRGFLEIKSPILIPLEYIERMGIDNDTELSKQIFRVDKNFCLRPMLAPNLYNYLRKLDRALPDPIKIF
EIGPCYRKESDGKEHLEEFTMLNFCQMGSGCTRENLESIITDFLNHLGIDFKIVGDSCMVYGDTLDVMHGDLELSSAVVG
PIPLDREWGIDKPWIGAGFGLERLLKVKHDFKNIKRAARSESYYNGISTNL
;
_entity_poly.pdbx_strand_id   A
#
loop_
_chem_comp.id
_chem_comp.type
_chem_comp.name
_chem_comp.formula
EDO non-polymer 1,2-ETHANEDIOL 'C2 H6 O2'
POP non-polymer 'PYROPHOSPHATE 2-' 'H2 O7 P2 -2'
YLY non-polymer '(2R)-2-AMINO-6-({[(2S,3R)-3-METHYLPYRROLIDIN-2-YL]CARBONYL}AMINO)HEXANOYL [(2S,3R,4R,5R)-5-(6-AMINO-9H-PURIN-9-YL)-3,4-DIHYDROXYTETRAHYDROFURAN-2-YL]METHYL HYDROGEN (R)-PHOSPHATE' 'C22 H35 N8 O9 P'
#
# COMPACT_ATOMS: atom_id res chain seq x y z
N PRO A 25 -42.22 -0.19 -5.85
CA PRO A 25 -42.13 -1.12 -4.69
C PRO A 25 -40.68 -1.63 -4.40
N ALA A 26 -40.16 -2.60 -5.17
CA ALA A 26 -38.78 -3.08 -5.00
C ALA A 26 -37.74 -2.01 -5.40
N LEU A 27 -36.56 -2.01 -4.77
CA LEU A 27 -35.49 -1.07 -5.15
C LEU A 27 -34.93 -1.40 -6.51
N THR A 28 -34.69 -0.42 -7.38
CA THR A 28 -33.96 -0.73 -8.63
C THR A 28 -32.47 -1.01 -8.35
N LYS A 29 -31.81 -1.67 -9.27
CA LYS A 29 -30.37 -1.89 -9.17
C LYS A 29 -29.67 -0.51 -9.11
N SER A 30 -30.10 0.49 -9.87
CA SER A 30 -29.49 1.81 -9.74
C SER A 30 -29.68 2.43 -8.37
N GLN A 31 -30.87 2.30 -7.78
CA GLN A 31 -31.12 2.87 -6.47
C GLN A 31 -30.27 2.18 -5.42
N THR A 32 -30.14 0.86 -5.56
CA THR A 32 -29.29 0.06 -4.65
C THR A 32 -27.80 0.45 -4.78
N ASP A 33 -27.30 0.65 -6.00
CA ASP A 33 -25.92 1.20 -6.15
C ASP A 33 -25.78 2.53 -5.41
N ARG A 34 -26.80 3.39 -5.50
CA ARG A 34 -26.75 4.70 -4.87
C ARG A 34 -26.69 4.61 -3.37
N LEU A 35 -27.54 3.74 -2.81
CA LEU A 35 -27.54 3.55 -1.33
C LEU A 35 -26.24 2.88 -0.86
N GLU A 36 -25.71 1.98 -1.65
CA GLU A 36 -24.45 1.34 -1.31
C GLU A 36 -23.27 2.32 -1.32
N VAL A 37 -23.33 3.35 -2.17
CA VAL A 37 -22.36 4.44 -2.09
C VAL A 37 -22.41 5.10 -0.73
N LEU A 38 -23.62 5.25 -0.19
CA LEU A 38 -23.86 5.97 1.07
C LEU A 38 -23.77 5.15 2.36
N LEU A 39 -23.68 3.85 2.22
CA LEU A 39 -23.67 2.90 3.31
C LEU A 39 -22.26 2.74 3.89
N ASN A 40 -22.10 2.90 5.21
CA ASN A 40 -20.82 2.56 5.86
C ASN A 40 -20.90 1.15 6.46
N PRO A 41 -19.73 0.49 6.64
CA PRO A 41 -19.76 -0.90 7.20
C PRO A 41 -20.55 -1.01 8.55
N LYS A 42 -20.44 0.02 9.39
CA LYS A 42 -21.09 0.05 10.72
C LYS A 42 -22.65 0.19 10.73
N ASP A 43 -23.22 0.72 9.64
CA ASP A 43 -24.70 0.91 9.53
C ASP A 43 -25.46 -0.41 9.68
N GLU A 44 -26.54 -0.40 10.48
CA GLU A 44 -27.36 -1.60 10.60
C GLU A 44 -28.69 -1.43 9.86
N SER A 49 -36.48 -1.90 3.71
CA SER A 49 -37.77 -2.42 3.20
C SER A 49 -38.83 -2.55 4.33
N GLY A 50 -40.09 -2.28 4.00
CA GLY A 50 -40.49 -1.67 2.71
C GLY A 50 -40.51 -0.14 2.83
N LYS A 51 -39.35 0.42 3.21
CA LYS A 51 -39.21 1.88 3.21
C LYS A 51 -38.80 2.30 1.79
N PRO A 52 -39.40 3.39 1.28
CA PRO A 52 -39.05 3.82 -0.06
C PRO A 52 -37.56 4.32 -0.20
N PHE A 53 -37.02 4.25 -1.41
CA PHE A 53 -35.71 4.81 -1.77
C PHE A 53 -35.44 6.17 -1.15
N ARG A 54 -36.32 7.13 -1.41
CA ARG A 54 -36.10 8.50 -1.00
C ARG A 54 -35.88 8.66 0.51
N GLU A 55 -36.54 7.82 1.30
CA GLU A 55 -36.38 7.90 2.75
C GLU A 55 -35.12 7.21 3.23
N LEU A 56 -34.80 6.04 2.65
CA LEU A 56 -33.53 5.34 2.93
C LEU A 56 -32.32 6.23 2.52
N GLU A 57 -32.42 6.87 1.34
CA GLU A 57 -31.39 7.78 0.88
C GLU A 57 -31.26 8.98 1.78
N SER A 58 -32.39 9.58 2.13
CA SER A 58 -32.38 10.72 3.03
C SER A 58 -31.73 10.38 4.39
N GLU A 59 -32.01 9.17 4.90
CA GLU A 59 -31.46 8.73 6.19
C GLU A 59 -29.94 8.57 6.11
N LEU A 60 -29.50 7.93 5.02
CA LEU A 60 -28.05 7.70 4.79
C LEU A 60 -27.32 8.99 4.56
N LEU A 61 -27.90 9.92 3.79
CA LEU A 61 -27.34 11.27 3.58
C LEU A 61 -27.10 11.96 4.89
N SER A 62 -28.08 11.83 5.78
CA SER A 62 -28.02 12.49 7.06
C SER A 62 -26.89 11.88 7.94
N ARG A 63 -26.77 10.56 7.98
CA ARG A 63 -25.72 9.89 8.74
C ARG A 63 -24.33 10.20 8.21
N ARG A 64 -24.16 10.22 6.89
CA ARG A 64 -22.87 10.57 6.30
C ARG A 64 -22.47 12.00 6.52
N LYS A 65 -23.40 12.95 6.43
CA LYS A 65 -23.11 14.34 6.78
C LYS A 65 -22.62 14.47 8.21
N LYS A 66 -23.33 13.80 9.13
CA LYS A 66 -22.92 13.75 10.54
C LYS A 66 -21.53 13.10 10.79
N ASP A 67 -21.23 11.97 10.12
CA ASP A 67 -19.87 11.37 10.10
C ASP A 67 -18.82 12.45 9.76
N LEU A 68 -19.04 13.25 8.71
CA LEU A 68 -18.09 14.28 8.27
C LEU A 68 -18.02 15.44 9.27
N GLN A 69 -19.18 15.87 9.77
CA GLN A 69 -19.24 16.84 10.84
C GLN A 69 -18.44 16.38 12.07
N GLN A 70 -18.57 15.12 12.48
CA GLN A 70 -17.76 14.57 13.58
C GLN A 70 -16.24 14.54 13.33
N ILE A 71 -15.81 14.08 12.16
CA ILE A 71 -14.37 14.17 11.81
C ILE A 71 -13.94 15.62 11.93
N TYR A 72 -14.74 16.51 11.37
CA TYR A 72 -14.31 17.89 11.26
C TYR A 72 -14.22 18.61 12.60
N ALA A 73 -15.16 18.27 13.50
CA ALA A 73 -15.17 18.83 14.85
C ALA A 73 -14.06 18.24 15.73
N GLU A 74 -13.76 16.95 15.57
CA GLU A 74 -12.85 16.30 16.49
C GLU A 74 -11.46 16.08 15.87
N GLU A 75 -11.25 14.98 15.17
CA GLU A 75 -9.88 14.66 14.77
C GLU A 75 -9.26 15.42 13.54
N ARG A 76 -10.02 15.54 12.46
CA ARG A 76 -9.60 16.22 11.25
C ARG A 76 -8.47 15.55 10.44
N GLU A 77 -8.15 14.28 10.75
CA GLU A 77 -7.09 13.60 10.01
C GLU A 77 -7.63 12.70 8.90
N ASN A 78 -6.92 12.74 7.77
CA ASN A 78 -7.19 11.85 6.67
C ASN A 78 -6.65 10.45 7.00
N TYR A 79 -7.42 9.40 6.72
CA TYR A 79 -7.02 8.02 7.03
C TYR A 79 -5.71 7.58 6.39
N LEU A 80 -5.52 7.96 5.13
CA LEU A 80 -4.32 7.62 4.41
CA LEU A 80 -4.30 7.63 4.40
C LEU A 80 -3.12 8.36 4.98
N GLY A 81 -3.27 9.66 5.27
CA GLY A 81 -2.17 10.40 5.85
C GLY A 81 -1.84 9.89 7.23
N LYS A 82 -2.87 9.63 8.03
CA LYS A 82 -2.77 9.09 9.38
C LYS A 82 -2.10 7.72 9.43
N LEU A 83 -2.52 6.82 8.54
CA LEU A 83 -1.91 5.52 8.46
C LEU A 83 -0.40 5.62 8.11
N GLU A 84 -0.07 6.49 7.16
CA GLU A 84 1.31 6.77 6.87
C GLU A 84 2.10 7.23 8.11
N ARG A 85 1.57 8.17 8.88
CA ARG A 85 2.27 8.64 10.08
C ARG A 85 2.49 7.53 11.12
N GLU A 86 1.48 6.67 11.30
CA GLU A 86 1.52 5.58 12.27
C GLU A 86 2.57 4.52 11.86
N ILE A 87 2.57 4.17 10.57
CA ILE A 87 3.57 3.24 10.00
C ILE A 87 4.99 3.83 10.10
N THR A 88 5.12 5.12 9.76
CA THR A 88 6.36 5.83 9.93
C THR A 88 6.92 5.72 11.37
N ARG A 89 6.09 6.02 12.35
CA ARG A 89 6.47 5.91 13.74
C ARG A 89 6.92 4.47 14.08
N PHE A 90 6.15 3.48 13.60
CA PHE A 90 6.47 2.11 13.86
C PHE A 90 7.92 1.77 13.39
N PHE A 91 8.27 2.13 12.17
CA PHE A 91 9.55 1.74 11.61
C PHE A 91 10.70 2.58 12.11
N VAL A 92 10.47 3.89 12.31
CA VAL A 92 11.47 4.73 12.94
C VAL A 92 11.85 4.20 14.34
N ASP A 93 10.82 3.92 15.15
CA ASP A 93 11.01 3.33 16.45
C ASP A 93 11.79 2.01 16.43
N ARG A 94 11.66 1.21 15.38
CA ARG A 94 12.41 -0.06 15.29
C ARG A 94 13.75 0.09 14.55
N GLY A 95 14.20 1.32 14.31
CA GLY A 95 15.58 1.51 13.83
C GLY A 95 15.74 1.63 12.32
N PHE A 96 14.62 1.83 11.61
CA PHE A 96 14.65 1.99 10.15
C PHE A 96 14.69 3.45 9.78
N LEU A 97 15.63 3.82 8.88
CA LEU A 97 15.78 5.18 8.41
C LEU A 97 14.65 5.54 7.39
N GLU A 98 13.93 6.66 7.64
CA GLU A 98 12.84 7.12 6.75
C GLU A 98 13.38 7.76 5.46
N ILE A 99 13.01 7.18 4.34
CA ILE A 99 13.42 7.70 3.03
C ILE A 99 12.24 8.41 2.35
N LYS A 100 12.55 9.49 1.60
CA LYS A 100 11.64 10.18 0.67
C LYS A 100 12.37 10.34 -0.67
N SER A 101 12.13 9.46 -1.61
CA SER A 101 12.86 9.45 -2.88
C SER A 101 11.92 9.83 -4.00
N PRO A 102 12.48 10.05 -5.22
CA PRO A 102 11.60 10.52 -6.27
C PRO A 102 10.46 9.58 -6.63
N ILE A 103 9.32 10.16 -7.02
CA ILE A 103 8.18 9.41 -7.51
C ILE A 103 8.36 9.27 -9.02
N LEU A 104 8.83 10.34 -9.68
CA LEU A 104 9.14 10.29 -11.11
CA LEU A 104 9.14 10.32 -11.10
C LEU A 104 10.57 9.75 -11.25
N ILE A 105 10.70 8.58 -11.90
CA ILE A 105 11.99 7.86 -11.95
C ILE A 105 12.46 7.58 -13.40
N PRO A 106 13.80 7.38 -13.61
CA PRO A 106 14.26 7.03 -14.98
C PRO A 106 13.56 5.77 -15.45
N LEU A 107 13.14 5.73 -16.70
CA LEU A 107 12.64 4.48 -17.28
C LEU A 107 13.67 3.36 -17.23
N GLU A 108 14.97 3.73 -17.32
CA GLU A 108 16.07 2.73 -17.23
C GLU A 108 15.96 1.88 -15.96
N TYR A 109 15.41 2.45 -14.87
CA TYR A 109 15.26 1.66 -13.60
C TYR A 109 14.36 0.47 -13.74
N ILE A 110 13.38 0.57 -14.63
CA ILE A 110 12.41 -0.49 -14.85
C ILE A 110 13.06 -1.72 -15.54
N GLU A 111 13.79 -1.44 -16.60
CA GLU A 111 14.59 -2.39 -17.33
C GLU A 111 15.60 -3.00 -16.34
N ARG A 112 16.37 -2.17 -15.60
CA ARG A 112 17.35 -2.71 -14.63
CA ARG A 112 17.33 -2.64 -14.58
C ARG A 112 16.68 -3.48 -13.47
N MET A 113 15.38 -3.36 -13.32
CA MET A 113 14.64 -4.18 -12.32
C MET A 113 14.33 -5.57 -12.87
N GLY A 114 14.68 -5.78 -14.14
CA GLY A 114 14.38 -7.00 -14.85
C GLY A 114 12.93 -7.08 -15.34
N ILE A 115 12.31 -5.93 -15.56
CA ILE A 115 10.91 -5.90 -16.03
C ILE A 115 10.93 -5.64 -17.52
N ASP A 116 10.62 -6.67 -18.31
CA ASP A 116 10.23 -6.49 -19.73
C ASP A 116 9.38 -7.67 -20.22
N GLU A 120 3.86 -7.18 -19.40
CA GLU A 120 3.37 -7.83 -18.17
C GLU A 120 3.13 -6.77 -17.05
N LEU A 121 4.02 -6.68 -16.06
CA LEU A 121 4.12 -5.48 -15.25
C LEU A 121 4.56 -4.33 -16.19
N SER A 122 5.20 -4.70 -17.31
CA SER A 122 5.68 -3.71 -18.27
C SER A 122 4.58 -2.93 -18.99
N LYS A 123 3.43 -3.57 -19.19
CA LYS A 123 2.30 -2.89 -19.80
C LYS A 123 1.64 -1.93 -18.79
N GLN A 124 2.00 -2.09 -17.53
CA GLN A 124 1.37 -1.33 -16.44
C GLN A 124 2.10 -0.02 -16.11
N ILE A 125 3.25 0.23 -16.74
CA ILE A 125 4.06 1.41 -16.46
C ILE A 125 3.46 2.68 -17.04
N PHE A 126 3.21 3.70 -16.23
CA PHE A 126 2.83 5.01 -16.76
C PHE A 126 4.10 5.78 -17.14
N ARG A 127 4.33 5.93 -18.44
CA ARG A 127 5.47 6.70 -18.93
C ARG A 127 5.23 8.21 -18.94
N VAL A 128 6.31 8.97 -18.77
CA VAL A 128 6.24 10.43 -18.71
C VAL A 128 7.48 10.89 -19.48
N ASP A 129 7.31 11.78 -20.47
CA ASP A 129 8.46 12.19 -21.32
C ASP A 129 9.07 10.96 -22.00
N LYS A 130 10.27 11.10 -22.60
CA LYS A 130 10.87 9.95 -23.29
C LYS A 130 11.63 9.06 -22.33
N ASN A 131 12.13 9.69 -21.26
CA ASN A 131 13.11 9.11 -20.35
C ASN A 131 12.64 8.69 -18.94
N PHE A 132 11.45 9.14 -18.54
CA PHE A 132 10.94 8.97 -17.18
C PHE A 132 9.62 8.22 -17.14
N CYS A 133 9.22 7.82 -15.93
CA CYS A 133 7.96 7.11 -15.68
C CYS A 133 7.54 7.35 -14.21
N LEU A 134 6.29 7.04 -13.86
CA LEU A 134 5.82 7.06 -12.50
C LEU A 134 6.25 5.72 -11.92
N ARG A 135 6.89 5.73 -10.76
CA ARG A 135 7.42 4.49 -10.20
C ARG A 135 6.29 3.54 -9.91
N PRO A 136 6.39 2.28 -10.35
CA PRO A 136 5.39 1.26 -9.98
C PRO A 136 5.65 0.56 -8.64
N MET A 137 6.81 0.81 -8.06
CA MET A 137 7.29 0.15 -6.83
C MET A 137 8.40 1.02 -6.26
N LEU A 138 8.81 0.75 -5.01
CA LEU A 138 9.83 1.54 -4.35
C LEU A 138 11.22 0.96 -4.54
N ALA A 139 11.28 -0.30 -4.95
CA ALA A 139 12.54 -1.10 -5.00
C ALA A 139 13.74 -0.50 -5.71
N PRO A 140 13.56 -0.01 -6.96
CA PRO A 140 14.78 0.57 -7.51
C PRO A 140 15.47 1.70 -6.70
N ASN A 141 14.72 2.70 -6.19
CA ASN A 141 15.34 3.77 -5.42
C ASN A 141 15.89 3.21 -4.11
N LEU A 142 15.25 2.22 -3.51
CA LEU A 142 15.75 1.67 -2.24
C LEU A 142 17.05 0.82 -2.44
N TYR A 143 17.16 0.09 -3.55
CA TYR A 143 18.41 -0.54 -4.01
C TYR A 143 19.49 0.51 -4.01
N ASN A 144 19.24 1.64 -4.64
CA ASN A 144 20.27 2.69 -4.72
C ASN A 144 20.67 3.25 -3.35
N TYR A 145 19.67 3.50 -2.49
CA TYR A 145 19.92 3.94 -1.11
C TYR A 145 20.72 2.90 -0.26
N LEU A 146 20.33 1.64 -0.33
CA LEU A 146 21.09 0.52 0.27
C LEU A 146 22.57 0.59 -0.13
N ARG A 147 22.88 0.64 -1.42
CA ARG A 147 24.28 0.75 -1.84
C ARG A 147 24.98 2.00 -1.33
N LYS A 148 24.34 3.16 -1.50
CA LYS A 148 24.97 4.42 -1.11
C LYS A 148 25.21 4.50 0.40
N LEU A 149 24.24 4.07 1.17
CA LEU A 149 24.30 4.19 2.63
C LEU A 149 25.26 3.17 3.26
N ASP A 150 25.50 2.05 2.59
CA ASP A 150 26.50 1.07 3.04
C ASP A 150 27.93 1.66 3.22
N ARG A 151 28.21 2.77 2.53
CA ARG A 151 29.45 3.50 2.70
C ARG A 151 29.46 4.37 3.93
N ALA A 152 28.31 4.56 4.59
CA ALA A 152 28.26 5.52 5.69
C ALA A 152 27.80 4.92 7.00
N LEU A 153 26.96 3.91 6.93
CA LEU A 153 26.19 3.49 8.08
C LEU A 153 26.64 2.13 8.54
N PRO A 154 26.54 1.86 9.87
CA PRO A 154 26.92 0.55 10.39
C PRO A 154 25.93 -0.54 10.00
N ASP A 155 26.45 -1.75 9.92
CA ASP A 155 25.69 -2.94 9.65
C ASP A 155 24.80 -3.27 10.87
N PRO A 156 23.52 -3.68 10.66
CA PRO A 156 22.83 -3.79 9.39
C PRO A 156 22.18 -2.45 8.99
N ILE A 157 21.92 -2.28 7.71
CA ILE A 157 21.32 -1.05 7.22
C ILE A 157 19.81 -1.32 7.15
N LYS A 158 19.05 -0.52 7.91
CA LYS A 158 17.57 -0.66 7.97
C LYS A 158 16.89 0.60 7.41
N ILE A 159 16.13 0.48 6.33
CA ILE A 159 15.50 1.69 5.72
C ILE A 159 14.07 1.37 5.33
N PHE A 160 13.27 2.41 5.14
CA PHE A 160 11.88 2.22 4.63
C PHE A 160 11.44 3.49 3.87
N GLU A 161 10.53 3.31 2.92
CA GLU A 161 9.87 4.45 2.33
C GLU A 161 8.38 4.14 2.31
N ILE A 162 7.57 5.18 2.45
CA ILE A 162 6.14 5.12 2.16
C ILE A 162 5.82 6.20 1.14
N GLY A 163 5.13 5.86 0.06
CA GLY A 163 4.77 6.88 -0.91
C GLY A 163 4.02 6.36 -2.11
N PRO A 164 3.55 7.30 -2.96
CA PRO A 164 2.77 6.97 -4.18
C PRO A 164 3.52 6.04 -5.13
N CYS A 165 2.79 5.09 -5.68
CA CYS A 165 3.22 4.23 -6.74
C CYS A 165 2.03 4.13 -7.69
N TYR A 166 2.33 3.82 -8.94
CA TYR A 166 1.38 3.84 -10.07
C TYR A 166 1.53 2.61 -10.96
N ARG A 167 0.40 1.96 -11.22
CA ARG A 167 0.32 0.83 -12.17
C ARG A 167 -1.00 0.95 -12.96
N LYS A 168 -0.94 1.02 -14.29
CA LYS A 168 -2.18 0.88 -15.16
C LYS A 168 -2.80 -0.48 -14.86
N GLU A 169 -4.09 -0.50 -14.49
CA GLU A 169 -4.72 -1.71 -13.90
C GLU A 169 -6.11 -1.91 -14.54
N SER A 170 -6.42 -3.16 -14.88
CA SER A 170 -7.73 -3.53 -15.49
C SER A 170 -8.85 -3.74 -14.45
N ASP A 171 -8.44 -4.04 -13.21
CA ASP A 171 -9.37 -4.33 -12.11
C ASP A 171 -9.68 -3.03 -11.34
N GLY A 172 -10.64 -3.13 -10.40
CA GLY A 172 -10.98 -1.99 -9.55
C GLY A 172 -11.34 -2.36 -8.12
N LYS A 173 -11.53 -3.65 -7.86
CA LYS A 173 -12.04 -4.16 -6.57
C LYS A 173 -10.94 -4.22 -5.46
N GLU A 174 -9.75 -4.68 -5.85
CA GLU A 174 -8.55 -4.68 -4.97
C GLU A 174 -7.37 -3.88 -5.58
N HIS A 175 -7.55 -3.35 -6.81
CA HIS A 175 -6.52 -2.62 -7.53
C HIS A 175 -6.82 -1.13 -7.80
N LEU A 176 -5.82 -0.29 -7.55
CA LEU A 176 -5.87 1.11 -7.85
C LEU A 176 -4.76 1.41 -8.83
N GLU A 177 -4.96 2.38 -9.70
CA GLU A 177 -3.92 2.79 -10.60
C GLU A 177 -2.94 3.67 -9.86
N GLU A 178 -3.45 4.49 -8.93
CA GLU A 178 -2.66 5.32 -8.01
C GLU A 178 -2.82 4.81 -6.58
N PHE A 179 -1.72 4.30 -6.00
CA PHE A 179 -1.74 3.71 -4.66
C PHE A 179 -0.53 4.16 -3.87
N THR A 180 -0.44 3.71 -2.62
CA THR A 180 0.59 4.12 -1.71
C THR A 180 1.20 2.82 -1.20
N MET A 181 2.51 2.68 -1.40
N MET A 181 2.52 2.68 -1.42
CA MET A 181 3.20 1.50 -0.90
CA MET A 181 3.29 1.52 -0.96
C MET A 181 4.10 1.86 0.26
C MET A 181 4.13 1.87 0.26
N LEU A 182 4.16 0.95 1.23
CA LEU A 182 5.22 0.90 2.22
C LEU A 182 6.22 -0.20 1.74
N ASN A 183 7.49 0.11 1.71
CA ASN A 183 8.53 -0.92 1.51
C ASN A 183 9.56 -0.69 2.62
N PHE A 184 9.69 -1.65 3.55
CA PHE A 184 10.85 -1.66 4.48
C PHE A 184 11.88 -2.72 4.03
N CYS A 185 13.15 -2.52 4.43
CA CYS A 185 14.16 -3.52 4.12
C CYS A 185 15.37 -3.39 5.02
N GLN A 186 16.07 -4.52 5.15
CA GLN A 186 17.32 -4.55 5.93
C GLN A 186 18.43 -5.23 5.09
N MET A 187 19.67 -4.80 5.24
CA MET A 187 20.76 -5.44 4.49
C MET A 187 22.00 -5.59 5.42
N GLY A 188 22.68 -6.73 5.29
CA GLY A 188 23.82 -7.12 6.17
C GLY A 188 23.39 -8.23 7.13
N SER A 189 23.71 -8.05 8.40
N SER A 189 23.68 -8.03 8.41
CA SER A 189 23.40 -9.06 9.41
CA SER A 189 23.42 -9.03 9.45
C SER A 189 21.91 -9.16 9.73
C SER A 189 21.95 -9.11 9.89
N GLY A 190 21.50 -10.33 10.22
CA GLY A 190 20.13 -10.55 10.68
C GLY A 190 19.10 -10.65 9.56
N CYS A 191 19.55 -10.86 8.33
CA CYS A 191 18.61 -10.91 7.20
C CYS A 191 18.10 -12.30 6.96
N THR A 192 17.35 -12.76 7.94
CA THR A 192 16.74 -14.07 7.88
C THR A 192 15.24 -14.04 7.66
N ARG A 193 14.75 -15.18 7.19
CA ARG A 193 13.37 -15.38 6.98
C ARG A 193 12.64 -15.25 8.29
N GLU A 194 13.22 -15.77 9.39
CA GLU A 194 12.57 -15.63 10.68
C GLU A 194 12.43 -14.14 11.12
N ASN A 195 13.49 -13.35 10.92
CA ASN A 195 13.42 -11.96 11.29
C ASN A 195 12.42 -11.22 10.40
N LEU A 196 12.42 -11.51 9.11
CA LEU A 196 11.45 -10.95 8.21
C LEU A 196 10.04 -11.24 8.70
N GLU A 197 9.72 -12.48 8.99
CA GLU A 197 8.39 -12.81 9.40
C GLU A 197 7.99 -12.14 10.73
N SER A 198 8.95 -12.02 11.65
CA SER A 198 8.73 -11.40 12.95
C SER A 198 8.37 -9.90 12.82
N ILE A 199 9.05 -9.18 11.93
CA ILE A 199 8.76 -7.78 11.70
C ILE A 199 7.36 -7.65 11.11
N ILE A 200 7.08 -8.45 10.07
CA ILE A 200 5.75 -8.49 9.47
C ILE A 200 4.68 -8.74 10.52
N THR A 201 4.91 -9.74 11.39
CA THR A 201 4.00 -10.11 12.47
C THR A 201 3.82 -9.00 13.50
N ASP A 202 4.92 -8.42 14.00
CA ASP A 202 4.77 -7.34 14.93
C ASP A 202 4.02 -6.17 14.28
N PHE A 203 4.33 -5.88 13.02
CA PHE A 203 3.72 -4.77 12.30
C PHE A 203 2.22 -4.90 12.22
N LEU A 204 1.74 -6.01 11.70
CA LEU A 204 0.29 -6.20 11.52
C LEU A 204 -0.48 -6.37 12.80
N ASN A 205 0.15 -6.98 13.81
CA ASN A 205 -0.46 -7.06 15.14
C ASN A 205 -0.55 -5.68 15.75
N HIS A 206 0.41 -4.83 15.46
CA HIS A 206 0.37 -3.45 15.97
C HIS A 206 -0.80 -2.71 15.30
N LEU A 207 -0.99 -2.94 13.99
CA LEU A 207 -2.05 -2.27 13.24
C LEU A 207 -3.44 -2.86 13.53
N GLY A 208 -3.48 -4.05 14.14
CA GLY A 208 -4.76 -4.74 14.41
C GLY A 208 -5.31 -5.38 13.14
N ILE A 209 -4.43 -5.93 12.29
CA ILE A 209 -4.84 -6.53 11.00
C ILE A 209 -4.52 -8.03 10.94
N ASP A 210 -5.55 -8.85 10.70
CA ASP A 210 -5.41 -10.30 10.71
C ASP A 210 -4.74 -10.72 9.43
N PHE A 211 -3.89 -11.76 9.46
CA PHE A 211 -3.11 -12.14 8.28
C PHE A 211 -2.64 -13.58 8.38
N LYS A 212 -2.21 -14.12 7.25
CA LYS A 212 -1.40 -15.33 7.22
C LYS A 212 -0.29 -15.15 6.16
N ILE A 213 0.88 -15.72 6.43
CA ILE A 213 2.04 -15.68 5.54
C ILE A 213 2.12 -17.01 4.77
N VAL A 214 2.04 -16.91 3.45
CA VAL A 214 2.06 -18.06 2.52
C VAL A 214 3.26 -17.93 1.58
N GLY A 215 3.97 -19.03 1.30
CA GLY A 215 4.94 -19.03 0.20
C GLY A 215 4.32 -18.83 -1.18
N ASP A 216 4.98 -18.05 -2.04
CA ASP A 216 4.55 -17.84 -3.45
C ASP A 216 5.75 -17.47 -4.31
N SER A 217 5.51 -16.93 -5.51
CA SER A 217 6.59 -16.44 -6.38
C SER A 217 6.12 -15.32 -7.33
N CYS A 218 7.06 -14.59 -7.92
CA CYS A 218 6.76 -13.64 -8.99
C CYS A 218 7.95 -13.48 -9.94
N MET A 219 7.69 -12.85 -11.10
CA MET A 219 8.72 -12.61 -12.15
C MET A 219 9.96 -11.81 -11.76
N VAL A 220 9.78 -10.64 -11.13
CA VAL A 220 10.92 -9.81 -10.66
C VAL A 220 11.87 -10.51 -9.62
N TYR A 221 11.29 -11.18 -8.62
CA TYR A 221 12.00 -11.55 -7.38
C TYR A 221 12.44 -12.99 -7.10
N GLY A 222 11.60 -13.97 -7.39
CA GLY A 222 11.74 -15.28 -6.76
C GLY A 222 10.42 -15.98 -6.97
N ASP A 223 9.86 -16.71 -6.00
CA ASP A 223 10.24 -16.87 -4.57
C ASP A 223 9.94 -15.73 -3.60
N THR A 224 8.68 -15.61 -3.24
CA THR A 224 8.27 -14.63 -2.27
C THR A 224 7.57 -15.30 -1.10
N LEU A 225 7.34 -14.52 -0.04
CA LEU A 225 6.30 -14.81 0.94
C LEU A 225 5.18 -13.83 0.68
N ASP A 226 3.96 -14.31 0.63
CA ASP A 226 2.85 -13.43 0.46
C ASP A 226 2.11 -13.38 1.76
N VAL A 227 1.77 -12.14 2.18
CA VAL A 227 1.05 -11.88 3.40
C VAL A 227 -0.41 -11.64 2.99
N MET A 228 -1.29 -12.54 3.41
CA MET A 228 -2.64 -12.59 2.88
C MET A 228 -3.62 -12.22 3.96
N HIS A 229 -4.69 -11.52 3.56
CA HIS A 229 -5.85 -11.39 4.40
C HIS A 229 -7.05 -12.07 3.69
N GLY A 230 -7.44 -13.28 4.11
CA GLY A 230 -8.30 -14.13 3.27
C GLY A 230 -7.66 -14.21 1.90
N ASP A 231 -8.37 -13.85 0.84
CA ASP A 231 -7.78 -13.92 -0.50
C ASP A 231 -7.15 -12.60 -0.99
N LEU A 232 -7.04 -11.61 -0.09
CA LEU A 232 -6.43 -10.30 -0.44
C LEU A 232 -4.92 -10.29 -0.14
N GLU A 233 -4.09 -10.02 -1.15
CA GLU A 233 -2.66 -9.82 -0.93
C GLU A 233 -2.36 -8.44 -0.25
N LEU A 234 -1.90 -8.49 1.01
CA LEU A 234 -1.45 -7.31 1.71
C LEU A 234 -0.03 -6.96 1.32
N SER A 235 0.81 -7.98 1.18
CA SER A 235 2.23 -7.77 0.94
C SER A 235 2.87 -8.90 0.13
N SER A 236 3.88 -8.52 -0.67
CA SER A 236 4.94 -9.41 -1.10
C SER A 236 6.22 -9.09 -0.37
N ALA A 237 6.86 -10.17 0.11
CA ALA A 237 8.10 -10.12 0.87
C ALA A 237 9.12 -11.13 0.31
N VAL A 238 10.40 -10.78 0.42
CA VAL A 238 11.53 -11.51 -0.16
C VAL A 238 12.71 -11.59 0.84
N VAL A 239 13.30 -12.80 0.95
CA VAL A 239 14.60 -13.00 1.60
C VAL A 239 15.65 -13.04 0.49
N GLY A 240 16.52 -12.02 0.43
CA GLY A 240 17.62 -12.04 -0.52
C GLY A 240 18.80 -12.86 0.06
N PRO A 241 19.91 -12.95 -0.67
CA PRO A 241 20.19 -12.33 -1.95
C PRO A 241 19.49 -12.98 -3.08
N ILE A 242 19.54 -12.32 -4.23
CA ILE A 242 18.95 -12.80 -5.47
C ILE A 242 19.93 -12.27 -6.55
N PRO A 243 19.89 -12.87 -7.77
CA PRO A 243 20.85 -12.44 -8.83
C PRO A 243 20.66 -11.00 -9.30
N LEU A 244 19.43 -10.48 -9.19
CA LEU A 244 19.18 -9.06 -9.51
C LEU A 244 20.05 -8.06 -8.73
N ASP A 245 20.43 -8.39 -7.51
CA ASP A 245 21.26 -7.50 -6.66
C ASP A 245 22.49 -6.90 -7.32
N ARG A 246 23.16 -7.72 -8.13
CA ARG A 246 24.44 -7.40 -8.79
C ARG A 246 24.25 -6.22 -9.71
N GLU A 247 23.13 -6.18 -10.44
CA GLU A 247 22.80 -5.00 -11.24
C GLU A 247 22.78 -3.70 -10.44
N TRP A 248 22.56 -3.79 -9.13
CA TRP A 248 22.41 -2.58 -8.30
C TRP A 248 23.60 -2.32 -7.40
N GLY A 249 24.71 -3.05 -7.65
CA GLY A 249 25.90 -2.89 -6.79
C GLY A 249 25.68 -3.43 -5.39
N ILE A 250 24.82 -4.43 -5.27
CA ILE A 250 24.50 -4.98 -3.93
C ILE A 250 25.06 -6.40 -3.87
N ASP A 251 25.85 -6.68 -2.82
CA ASP A 251 26.47 -8.01 -2.64
C ASP A 251 26.38 -8.48 -1.16
N LYS A 252 25.25 -8.16 -0.49
CA LYS A 252 25.02 -8.57 0.92
C LYS A 252 23.67 -9.24 1.06
N PRO A 253 23.48 -10.00 2.17
CA PRO A 253 22.13 -10.51 2.42
C PRO A 253 21.15 -9.33 2.67
N TRP A 254 19.90 -9.54 2.30
CA TRP A 254 18.88 -8.54 2.59
C TRP A 254 17.57 -9.24 2.79
N ILE A 255 16.68 -8.57 3.50
CA ILE A 255 15.28 -8.96 3.61
C ILE A 255 14.35 -7.74 3.37
N GLY A 256 13.13 -7.96 2.89
CA GLY A 256 12.26 -6.78 2.70
C GLY A 256 10.84 -7.13 2.33
N ALA A 257 9.94 -6.15 2.49
CA ALA A 257 8.52 -6.32 2.14
C ALA A 257 7.85 -5.00 1.70
N GLY A 258 6.88 -5.11 0.78
CA GLY A 258 6.08 -3.97 0.34
C GLY A 258 4.62 -4.22 0.61
N PHE A 259 3.97 -3.22 1.22
CA PHE A 259 2.55 -3.31 1.60
C PHE A 259 1.81 -2.16 0.93
N GLY A 260 0.56 -2.42 0.53
CA GLY A 260 -0.30 -1.36 -0.02
C GLY A 260 -1.04 -0.75 1.16
N LEU A 261 -0.83 0.54 1.42
CA LEU A 261 -1.60 1.22 2.49
C LEU A 261 -3.10 1.19 2.27
N GLU A 262 -3.58 1.37 1.02
CA GLU A 262 -5.06 1.28 0.74
C GLU A 262 -5.64 -0.11 1.02
N ARG A 263 -4.90 -1.16 0.68
CA ARG A 263 -5.28 -2.55 1.12
C ARG A 263 -5.38 -2.65 2.63
N LEU A 264 -4.37 -2.21 3.35
CA LEU A 264 -4.46 -2.23 4.81
C LEU A 264 -5.71 -1.47 5.34
N LEU A 265 -5.95 -0.27 4.82
CA LEU A 265 -7.13 0.53 5.24
C LEU A 265 -8.41 -0.22 4.92
N LYS A 266 -8.44 -0.82 3.75
CA LYS A 266 -9.59 -1.58 3.29
C LYS A 266 -9.97 -2.70 4.28
N VAL A 267 -8.99 -3.48 4.72
CA VAL A 267 -9.16 -4.55 5.74
C VAL A 267 -9.53 -3.92 7.09
N LYS A 268 -8.73 -2.98 7.56
CA LYS A 268 -8.98 -2.34 8.82
C LYS A 268 -10.35 -1.65 8.94
N HIS A 269 -10.83 -0.98 7.88
CA HIS A 269 -12.12 -0.32 8.03
C HIS A 269 -13.28 -1.17 7.45
N ASP A 270 -12.97 -2.35 6.92
CA ASP A 270 -13.98 -3.26 6.38
C ASP A 270 -14.72 -2.62 5.18
N PHE A 271 -13.96 -1.93 4.32
CA PHE A 271 -14.50 -1.32 3.11
C PHE A 271 -14.68 -2.42 2.05
N LYS A 272 -15.83 -2.43 1.36
CA LYS A 272 -16.16 -3.45 0.33
C LYS A 272 -15.34 -3.18 -0.90
N ASN A 273 -15.17 -1.90 -1.21
CA ASN A 273 -14.34 -1.50 -2.32
C ASN A 273 -13.12 -0.68 -1.90
N ILE A 274 -11.95 -1.04 -2.43
CA ILE A 274 -10.69 -0.34 -2.19
C ILE A 274 -10.65 1.16 -2.60
N LYS A 275 -11.51 1.57 -3.54
CA LYS A 275 -11.64 3.02 -3.85
C LYS A 275 -12.01 3.89 -2.64
N ARG A 276 -12.62 3.30 -1.60
CA ARG A 276 -12.96 4.05 -0.37
C ARG A 276 -11.73 4.48 0.45
N ALA A 277 -10.59 3.81 0.18
CA ALA A 277 -9.28 3.96 0.86
C ALA A 277 -8.27 4.76 0.03
N ALA A 278 -8.65 5.14 -1.21
CA ALA A 278 -7.74 5.83 -2.12
C ALA A 278 -7.75 7.34 -1.90
N ARG A 279 -6.66 8.00 -2.33
CA ARG A 279 -6.66 9.42 -2.73
C ARG A 279 -7.84 9.56 -3.70
N SER A 280 -8.72 10.52 -3.42
CA SER A 280 -10.01 10.51 -4.09
C SER A 280 -10.70 11.85 -3.85
N GLU A 281 -11.48 12.27 -4.82
CA GLU A 281 -12.42 13.37 -4.64
C GLU A 281 -13.83 12.82 -4.35
N SER A 282 -14.06 11.52 -4.47
CA SER A 282 -15.36 10.87 -4.20
C SER A 282 -15.56 10.27 -2.80
N TYR A 283 -14.45 10.02 -2.12
CA TYR A 283 -14.52 9.47 -0.77
C TYR A 283 -13.51 10.20 0.09
N TYR A 284 -13.91 10.47 1.33
CA TYR A 284 -13.05 11.04 2.33
C TYR A 284 -13.19 10.07 3.53
N ASN A 285 -12.08 9.45 3.92
CA ASN A 285 -12.12 8.47 5.00
C ASN A 285 -13.23 7.43 4.80
N GLY A 286 -13.43 7.01 3.55
CA GLY A 286 -14.45 6.01 3.26
C GLY A 286 -15.89 6.55 3.25
N ILE A 287 -16.07 7.87 3.42
CA ILE A 287 -17.39 8.51 3.38
C ILE A 287 -17.57 9.16 2.06
N SER A 288 -18.69 8.85 1.40
CA SER A 288 -19.05 9.56 0.14
C SER A 288 -19.00 11.07 0.36
N THR A 289 -18.32 11.76 -0.56
CA THR A 289 -18.34 13.20 -0.64
C THR A 289 -19.44 13.73 -1.57
N ASN A 290 -20.19 12.83 -2.22
CA ASN A 290 -21.33 13.18 -3.10
C ASN A 290 -22.67 13.09 -2.34
N LEU A 291 -22.90 14.11 -1.52
CA LEU A 291 -23.94 14.16 -0.49
C LEU A 291 -25.09 15.11 -0.86
C1 EDO B . -8.72 8.63 2.83
O1 EDO B . -9.53 9.67 2.26
C2 EDO B . -9.14 7.32 2.23
O2 EDO B . -10.14 6.74 3.09
C1 EDO C . -5.36 5.34 10.82
O1 EDO C . -4.67 4.12 10.77
C2 EDO C . -6.40 5.17 9.73
O2 EDO C . -7.25 4.14 10.20
C1 EDO D . 4.62 2.82 17.10
O1 EDO D . 4.19 3.23 18.40
C2 EDO D . 5.61 1.68 17.30
O2 EDO D . 6.75 2.19 17.98
C1 EDO E . -6.05 -14.51 7.45
O1 EDO E . -6.87 -13.40 7.07
C2 EDO E . -6.47 -15.74 6.66
O2 EDO E . -6.04 -15.59 5.29
C1 EDO F . 26.38 -2.64 -1.09
O1 EDO F . 27.60 -1.95 -0.83
C2 EDO F . 26.30 -3.87 -0.19
O2 EDO F . 26.77 -4.97 -0.96
C1 EDO G . -6.22 -10.28 -4.13
O1 EDO G . -4.96 -9.61 -3.95
C2 EDO G . -6.85 -9.73 -5.40
O2 EDO G . -5.81 -9.00 -6.07
C1 EDO H . 11.00 -5.29 15.16
O1 EDO H . 11.66 -4.76 14.02
C2 EDO H . 9.58 -5.66 14.79
O2 EDO H . 8.67 -5.28 15.85
C1 EDO I . -9.36 -13.19 7.53
O1 EDO I . -9.78 -12.46 8.69
C2 EDO I . -10.35 -14.30 7.20
O2 EDO I . -10.93 -13.98 5.93
C1 EDO J . 16.57 -18.52 16.77
O1 EDO J . 16.56 -17.11 16.59
C2 EDO J . 15.31 -19.14 16.21
O2 EDO J . 14.26 -18.75 17.08
C1 EDO K . -19.20 16.68 17.23
O1 EDO K . -18.81 15.59 18.08
C2 EDO K . -20.01 16.12 16.05
O2 EDO K . -20.58 17.20 15.29
C4 YLY L . -1.34 -2.37 -4.82
C5 YLY L . -1.38 -2.37 -6.20
C6 YLY L . -2.46 -1.74 -6.83
C8 YLY L . 0.45 -3.44 -5.57
N1 YLY L . -3.38 -1.16 -6.07
N3 YLY L . -2.31 -1.78 -4.08
CAA YLY L . 13.38 -2.47 -1.65
CBF YLY L . 14.50 -3.49 -1.52
CAP YLY L . 15.56 -3.20 -2.55
CAJ YLY L . 14.97 -3.98 -3.72
NAS YLY L . 13.86 -4.53 -3.43
CBK YLY L . 13.85 -4.74 -1.99
CBA YLY L . 12.57 -5.16 -1.33
OAD YLY L . 12.25 -4.81 -0.18
NAW YLY L . 11.93 -6.09 -2.03
CAO YLY L . 10.99 -6.99 -1.38
CAM YLY L . 9.58 -6.89 -1.98
CAN YLY L . 9.07 -5.43 -2.10
CB YLY L . 7.81 -5.21 -2.94
CA YLY L . 7.94 -5.39 -4.47
N YLY L . 8.91 -4.49 -5.07
C YLY L . 6.57 -5.11 -5.03
O YLY L . 6.39 -4.14 -5.77
OAY YLY L . 5.49 -6.01 -4.62
PBN YLY L . 3.98 -6.11 -5.18
OAI YLY L . 3.43 -7.29 -4.51
OAF YLY L . 3.95 -5.90 -6.65
O5' YLY L . 3.50 -4.78 -4.39
C5' YLY L . 3.48 -4.79 -2.95
C4' YLY L . 2.10 -4.40 -2.41
O4' YLY L . 1.64 -3.17 -3.00
C3' YLY L . 1.02 -5.40 -2.80
O3' YLY L . 0.98 -6.51 -1.91
C2' YLY L . -0.24 -4.59 -2.66
O2' YLY L . -0.60 -4.58 -1.29
C1' YLY L . 0.21 -3.22 -3.05
N9 YLY L . -0.20 -3.01 -4.46
N7 YLY L . -0.27 -3.04 -6.65
C2 YLY L . -3.33 -1.18 -4.73
N6 YLY L . -2.51 -1.68 -8.16
P1 POP M . -2.03 -8.17 -6.63
O1 POP M . -2.28 -7.32 -7.86
O2 POP M . -3.28 -8.23 -5.78
O3 POP M . -1.63 -9.56 -7.09
O POP M . -0.78 -7.52 -5.85
P2 POP M . 0.43 -7.20 -6.85
O4 POP M . -0.07 -7.17 -8.27
O5 POP M . 1.03 -5.84 -6.56
O6 POP M . 1.50 -8.26 -6.77
#